data_4HX1
#
_entry.id   4HX1
#
_cell.length_a   129.237
_cell.length_b   37.857
_cell.length_c   108.323
_cell.angle_alpha   90.00
_cell.angle_beta   120.04
_cell.angle_gamma   90.00
#
_symmetry.space_group_name_H-M   'C 1 2 1'
#
loop_
_entity.id
_entity.type
_entity.pdbx_description
1 polymer 'MHC class I antigen'
2 polymer Beta-2-microglobulin
3 polymer '9-mer peptide from Tyrosinase-related protein-2'
4 non-polymer GLYCEROL
5 water water
#
loop_
_entity_poly.entity_id
_entity_poly.type
_entity_poly.pdbx_seq_one_letter_code
_entity_poly.pdbx_strand_id
1 'polypeptide(L)'
;GSHSMRYFYTSMSRPGRGEPRFIAVGYVDDTQFVRFDSDAASQRMEPRAPWIEQEGPEYWDRNTRNVKAQSQTDRVDLGT
LRGYYNQSEAGSHTIQRMYGCDVGPDGRFLRGYHQYAYDGKDYIALKEDLRSWTAADMAAQTTKHKWEAAHVAEQWRAYL
EGTCVEWLRRYLENGKETLQRTDAPKTHMTHHAVSDHEATLRCWALSFYPAEITLTWQRDGEDQTQDTELVETRPAGDGT
FQKWVAVVVPSGQEQRYTCHVQHEGLPKPLTLKW
;
A
2 'polypeptide(L)'
;IQRTPKIQVYSRHPAENGKSNFLNCYVSGFHPSDIEVDLLKNGERIEKVEHSDLSFSKDWSFYLLYYTEFTPTEKDEYAC
RVNHVTLSQPKIVKWDRDM
;
B
3 'polypeptide(L)' SVYDFFVWL C
#
loop_
_chem_comp.id
_chem_comp.type
_chem_comp.name
_chem_comp.formula
GOL non-polymer GLYCEROL 'C3 H8 O3'
#
# COMPACT_ATOMS: atom_id res chain seq x y z
N GLY A 1 -10.78 13.16 13.32
CA GLY A 1 -11.88 12.43 12.71
C GLY A 1 -11.83 10.95 13.00
N SER A 2 -12.25 10.13 12.04
CA SER A 2 -12.26 8.68 12.20
C SER A 2 -10.89 8.07 11.90
N HIS A 3 -10.65 6.85 12.40
CA HIS A 3 -9.37 6.19 12.20
C HIS A 3 -9.53 4.69 11.98
N SER A 4 -8.50 4.07 11.41
CA SER A 4 -8.51 2.64 11.17
C SER A 4 -7.19 2.00 11.60
N MET A 5 -7.25 0.72 11.95
CA MET A 5 -6.05 -0.09 12.09
C MET A 5 -6.23 -1.33 11.24
N ARG A 6 -5.19 -1.71 10.50
CA ARG A 6 -5.27 -2.85 9.61
C ARG A 6 -3.99 -3.66 9.67
N TYR A 7 -4.16 -4.97 9.63
CA TYR A 7 -3.03 -5.88 9.49
C TYR A 7 -3.21 -6.64 8.18
N PHE A 8 -2.11 -6.83 7.47
CA PHE A 8 -2.10 -7.52 6.20
C PHE A 8 -1.08 -8.64 6.29
N TYR A 9 -1.54 -9.88 6.14
CA TYR A 9 -0.68 -11.05 6.22
C TYR A 9 -0.56 -11.67 4.83
N THR A 10 0.66 -12.06 4.45
CA THR A 10 0.87 -12.76 3.19
C THR A 10 1.80 -13.96 3.39
N SER A 11 1.37 -15.13 2.90
CA SER A 11 2.27 -16.27 2.80
C SER A 11 2.39 -16.70 1.35
N MET A 12 3.61 -17.01 0.94
N MET A 12 3.61 -17.02 0.94
CA MET A 12 3.89 -17.39 -0.45
CA MET A 12 3.88 -17.40 -0.44
C MET A 12 4.70 -18.68 -0.47
C MET A 12 4.72 -18.68 -0.50
N SER A 13 4.10 -19.77 -0.94
CA SER A 13 4.82 -21.03 -0.98
C SER A 13 5.85 -21.02 -2.09
N ARG A 14 6.90 -21.81 -1.93
CA ARG A 14 7.97 -21.88 -2.92
C ARG A 14 8.57 -23.28 -2.91
N PRO A 15 7.79 -24.26 -3.43
CA PRO A 15 8.16 -25.67 -3.36
C PRO A 15 9.56 -25.91 -3.95
N GLY A 16 10.39 -26.64 -3.23
CA GLY A 16 11.76 -26.88 -3.67
C GLY A 16 12.74 -25.84 -3.15
N ARG A 17 12.22 -24.75 -2.60
CA ARG A 17 13.08 -23.69 -2.09
C ARG A 17 12.78 -23.35 -0.62
N GLY A 18 12.48 -24.38 0.15
CA GLY A 18 12.28 -24.20 1.58
C GLY A 18 10.83 -23.93 1.96
N GLU A 19 10.63 -23.39 3.15
CA GLU A 19 9.28 -23.13 3.65
C GLU A 19 8.71 -21.86 3.00
N PRO A 20 7.39 -21.71 3.08
CA PRO A 20 6.78 -20.49 2.52
C PRO A 20 7.29 -19.24 3.22
N ARG A 21 7.33 -18.15 2.49
CA ARG A 21 7.70 -16.86 3.08
C ARG A 21 6.45 -16.21 3.66
N PHE A 22 6.53 -15.79 4.92
CA PHE A 22 5.42 -15.07 5.55
C PHE A 22 5.81 -13.62 5.83
N ILE A 23 4.92 -12.70 5.49
CA ILE A 23 5.14 -11.28 5.81
C ILE A 23 3.90 -10.73 6.49
N ALA A 24 4.10 -9.92 7.52
CA ALA A 24 2.99 -9.21 8.16
C ALA A 24 3.33 -7.73 8.19
N VAL A 25 2.37 -6.89 7.87
CA VAL A 25 2.53 -5.46 8.07
C VAL A 25 1.29 -4.91 8.78
N GLY A 26 1.49 -3.90 9.61
CA GLY A 26 0.37 -3.28 10.32
C GLY A 26 0.32 -1.79 10.02
N TYR A 27 -0.90 -1.27 9.88
CA TYR A 27 -1.09 0.14 9.58
C TYR A 27 -2.04 0.78 10.57
N VAL A 28 -1.81 2.07 10.85
CA VAL A 28 -2.85 2.91 11.45
C VAL A 28 -3.12 4.01 10.42
N ASP A 29 -4.37 4.11 9.95
CA ASP A 29 -4.67 5.00 8.82
C ASP A 29 -3.71 4.71 7.66
N ASP A 30 -3.01 5.74 7.19
CA ASP A 30 -2.09 5.57 6.07
C ASP A 30 -0.63 5.44 6.52
N THR A 31 -0.43 5.13 7.80
CA THR A 31 0.92 5.04 8.36
C THR A 31 1.28 3.62 8.78
N GLN A 32 2.30 3.04 8.14
CA GLN A 32 2.74 1.71 8.52
C GLN A 32 3.48 1.80 9.84
N PHE A 33 3.26 0.85 10.74
CA PHE A 33 3.91 0.91 12.05
C PHE A 33 4.64 -0.35 12.53
N VAL A 34 4.33 -1.50 11.94
CA VAL A 34 5.11 -2.71 12.25
C VAL A 34 5.35 -3.56 11.01
N ARG A 35 6.29 -4.48 11.10
CA ARG A 35 6.54 -5.42 10.02
C ARG A 35 7.17 -6.70 10.55
N PHE A 36 6.86 -7.81 9.89
CA PHE A 36 7.52 -9.08 10.17
C PHE A 36 7.83 -9.76 8.84
N ASP A 37 9.04 -10.32 8.72
CA ASP A 37 9.42 -11.01 7.48
C ASP A 37 10.14 -12.30 7.86
N SER A 38 9.56 -13.44 7.50
CA SER A 38 10.11 -14.73 7.91
C SER A 38 11.50 -14.98 7.31
N ASP A 39 11.78 -14.32 6.18
CA ASP A 39 13.08 -14.46 5.54
C ASP A 39 14.17 -13.61 6.22
N ALA A 40 13.75 -12.61 6.99
CA ALA A 40 14.72 -11.70 7.63
C ALA A 40 15.46 -12.38 8.78
N ALA A 41 16.61 -11.82 9.15
CA ALA A 41 17.47 -12.44 10.16
C ALA A 41 16.97 -12.24 11.58
N SER A 42 16.33 -11.10 11.83
CA SER A 42 15.87 -10.76 13.18
C SER A 42 14.87 -11.77 13.76
N GLN A 43 13.98 -12.29 12.91
CA GLN A 43 12.87 -13.14 13.35
C GLN A 43 12.03 -12.44 14.43
N ARG A 44 11.91 -11.12 14.30
CA ARG A 44 11.17 -10.32 15.26
C ARG A 44 10.19 -9.41 14.53
N MET A 45 9.06 -9.12 15.16
CA MET A 45 8.21 -8.04 14.68
C MET A 45 9.02 -6.79 14.95
N GLU A 46 9.03 -5.86 14.00
CA GLU A 46 9.88 -4.67 14.11
C GLU A 46 9.09 -3.39 13.93
N PRO A 47 9.52 -2.33 14.63
CA PRO A 47 8.88 -1.01 14.54
C PRO A 47 9.14 -0.36 13.19
N ARG A 48 8.13 0.32 12.65
CA ARG A 48 8.27 1.04 11.39
C ARG A 48 7.74 2.47 11.49
N ALA A 49 7.31 2.85 12.70
CA ALA A 49 6.95 4.23 13.02
C ALA A 49 7.54 4.55 14.38
N PRO A 50 7.91 5.81 14.61
CA PRO A 50 8.63 6.07 15.85
C PRO A 50 7.81 5.90 17.13
N TRP A 51 6.52 6.20 17.07
CA TRP A 51 5.66 6.13 18.26
C TRP A 51 5.37 4.71 18.80
N ILE A 52 5.72 3.69 18.04
CA ILE A 52 5.51 2.32 18.51
C ILE A 52 6.75 1.82 19.25
N GLU A 53 7.85 2.55 19.11
CA GLU A 53 9.14 2.14 19.71
C GLU A 53 9.09 2.13 21.22
N GLN A 54 8.18 2.92 21.78
CA GLN A 54 8.04 3.02 23.23
C GLN A 54 7.39 1.80 23.86
N GLU A 55 6.79 0.94 23.05
CA GLU A 55 6.24 -0.30 23.60
C GLU A 55 7.37 -1.18 24.16
N GLY A 56 7.14 -1.80 25.31
CA GLY A 56 8.16 -2.59 25.98
C GLY A 56 8.31 -3.99 25.43
N PRO A 57 9.26 -4.77 25.98
CA PRO A 57 9.59 -6.12 25.55
C PRO A 57 8.37 -7.04 25.47
N GLU A 58 7.42 -6.88 26.39
CA GLU A 58 6.24 -7.73 26.42
C GLU A 58 5.43 -7.60 25.13
N TYR A 59 5.32 -6.37 24.63
CA TYR A 59 4.60 -6.10 23.40
C TYR A 59 5.28 -6.79 22.24
N TRP A 60 6.60 -6.67 22.17
CA TRP A 60 7.35 -7.18 21.03
C TRP A 60 7.46 -8.70 21.05
N ASP A 61 7.65 -9.31 22.23
CA ASP A 61 7.63 -10.76 22.34
C ASP A 61 6.27 -11.32 21.88
N ARG A 62 5.19 -10.75 22.42
CA ARG A 62 3.85 -11.26 22.13
C ARG A 62 3.52 -11.13 20.64
N ASN A 63 3.75 -9.96 20.08
CA ASN A 63 3.45 -9.73 18.66
C ASN A 63 4.31 -10.62 17.77
N THR A 64 5.58 -10.79 18.13
CA THR A 64 6.47 -11.68 17.40
C THR A 64 6.00 -13.12 17.43
N ARG A 65 5.73 -13.64 18.63
CA ARG A 65 5.24 -15.01 18.79
C ARG A 65 3.95 -15.24 18.02
N ASN A 66 3.07 -14.25 18.04
CA ASN A 66 1.77 -14.43 17.39
C ASN A 66 1.87 -14.51 15.88
N VAL A 67 2.67 -13.63 15.27
CA VAL A 67 2.82 -13.69 13.81
C VAL A 67 3.73 -14.83 13.39
N LYS A 68 4.65 -15.22 14.26
CA LYS A 68 5.43 -16.42 14.00
C LYS A 68 4.53 -17.64 13.96
N ALA A 69 3.57 -17.68 14.88
CA ALA A 69 2.63 -18.80 14.91
C ALA A 69 1.77 -18.76 13.67
N GLN A 70 1.42 -17.57 13.21
CA GLN A 70 0.65 -17.45 11.98
C GLN A 70 1.42 -18.01 10.78
N SER A 71 2.71 -17.72 10.70
CA SER A 71 3.51 -18.26 9.60
C SER A 71 3.45 -19.78 9.62
N GLN A 72 3.36 -20.37 10.82
CA GLN A 72 3.34 -21.82 10.94
C GLN A 72 1.97 -22.42 10.62
N THR A 73 0.90 -21.83 11.14
CA THR A 73 -0.44 -22.32 10.79
C THR A 73 -0.79 -22.04 9.33
N ASP A 74 -0.23 -20.97 8.75
CA ASP A 74 -0.39 -20.70 7.32
C ASP A 74 0.12 -21.87 6.48
N ARG A 75 1.18 -22.52 6.93
CA ARG A 75 1.71 -23.63 6.15
C ARG A 75 0.73 -24.80 6.10
N VAL A 76 -0.01 -25.00 7.19
CA VAL A 76 -1.05 -26.01 7.25
C VAL A 76 -2.20 -25.61 6.33
N ASP A 77 -2.58 -24.34 6.38
CA ASP A 77 -3.70 -23.87 5.57
C ASP A 77 -3.38 -23.97 4.08
N LEU A 78 -2.13 -23.70 3.72
CA LEU A 78 -1.70 -23.85 2.33
C LEU A 78 -1.89 -25.30 1.86
N GLY A 79 -1.55 -26.25 2.71
CA GLY A 79 -1.71 -27.66 2.39
C GLY A 79 -3.18 -28.03 2.24
N THR A 80 -4.01 -27.51 3.13
CA THR A 80 -5.45 -27.76 3.07
C THR A 80 -6.05 -27.24 1.77
N LEU A 81 -5.69 -26.02 1.39
CA LEU A 81 -6.21 -25.42 0.18
C LEU A 81 -5.77 -26.19 -1.07
N ARG A 82 -4.54 -26.66 -1.06
CA ARG A 82 -4.02 -27.45 -2.17
C ARG A 82 -4.88 -28.72 -2.35
N GLY A 83 -5.29 -29.31 -1.23
CA GLY A 83 -6.18 -30.46 -1.27
C GLY A 83 -7.57 -30.11 -1.77
N TYR A 84 -8.11 -29.00 -1.25
CA TYR A 84 -9.43 -28.53 -1.67
C TYR A 84 -9.54 -28.26 -3.17
N TYR A 85 -8.45 -27.77 -3.76
CA TYR A 85 -8.48 -27.41 -5.17
C TYR A 85 -7.76 -28.43 -6.05
N ASN A 86 -7.44 -29.57 -5.47
CA ASN A 86 -6.70 -30.65 -6.14
C ASN A 86 -5.52 -30.13 -6.94
N GLN A 87 -4.63 -29.42 -6.26
CA GLN A 87 -3.48 -28.86 -6.94
C GLN A 87 -2.25 -29.69 -6.60
N SER A 88 -1.33 -29.79 -7.57
CA SER A 88 -0.08 -30.51 -7.36
C SER A 88 0.76 -29.79 -6.33
N GLU A 89 1.76 -30.47 -5.76
CA GLU A 89 2.61 -29.81 -4.78
C GLU A 89 3.77 -29.03 -5.40
N ALA A 90 3.78 -28.93 -6.73
CA ALA A 90 4.86 -28.26 -7.44
C ALA A 90 4.65 -26.75 -7.63
N GLY A 91 3.39 -26.32 -7.67
CA GLY A 91 3.10 -24.92 -7.92
C GLY A 91 3.23 -24.03 -6.69
N SER A 92 3.49 -22.74 -6.92
CA SER A 92 3.55 -21.77 -5.84
C SER A 92 2.18 -21.13 -5.65
N HIS A 93 1.79 -20.92 -4.39
CA HIS A 93 0.49 -20.35 -4.10
C HIS A 93 0.59 -19.29 -3.01
N THR A 94 -0.44 -18.46 -2.91
CA THR A 94 -0.44 -17.35 -1.98
C THR A 94 -1.69 -17.38 -1.12
N ILE A 95 -1.54 -17.11 0.18
CA ILE A 95 -2.69 -16.82 1.01
C ILE A 95 -2.53 -15.41 1.59
N GLN A 96 -3.62 -14.65 1.57
CA GLN A 96 -3.61 -13.30 2.14
C GLN A 96 -4.74 -13.16 3.13
N ARG A 97 -4.45 -12.48 4.23
CA ARG A 97 -5.45 -12.22 5.27
C ARG A 97 -5.39 -10.74 5.63
N MET A 98 -6.54 -10.08 5.66
CA MET A 98 -6.63 -8.69 6.08
C MET A 98 -7.62 -8.63 7.22
N TYR A 99 -7.29 -7.89 8.28
CA TYR A 99 -8.23 -7.70 9.37
C TYR A 99 -7.96 -6.39 10.09
N GLY A 100 -8.93 -5.93 10.86
CA GLY A 100 -8.74 -4.70 11.60
C GLY A 100 -10.03 -4.03 11.96
N CYS A 101 -9.95 -2.79 12.42
CA CYS A 101 -11.11 -2.10 12.95
C CYS A 101 -11.11 -0.60 12.64
N ASP A 102 -12.29 -0.01 12.67
CA ASP A 102 -12.45 1.44 12.48
C ASP A 102 -13.07 2.01 13.75
N VAL A 103 -12.60 3.18 14.17
CA VAL A 103 -13.25 3.94 15.24
C VAL A 103 -13.59 5.35 14.75
N GLY A 104 -14.57 5.97 15.40
CA GLY A 104 -14.92 7.34 15.08
C GLY A 104 -14.08 8.31 15.87
N PRO A 105 -14.39 9.61 15.74
CA PRO A 105 -13.67 10.72 16.38
C PRO A 105 -13.67 10.58 17.90
N ASP A 106 -14.70 9.92 18.43
CA ASP A 106 -14.86 9.72 19.87
C ASP A 106 -14.12 8.46 20.34
N GLY A 107 -13.44 7.80 19.41
CA GLY A 107 -12.66 6.62 19.71
C GLY A 107 -13.46 5.35 19.86
N ARG A 108 -14.77 5.41 19.58
CA ARG A 108 -15.63 4.24 19.75
C ARG A 108 -15.70 3.38 18.50
N PHE A 109 -15.87 2.08 18.71
CA PHE A 109 -15.96 1.10 17.64
C PHE A 109 -16.99 1.49 16.58
N LEU A 110 -16.56 1.48 15.31
CA LEU A 110 -17.45 1.70 14.19
C LEU A 110 -17.74 0.40 13.45
N ARG A 111 -16.67 -0.31 13.07
CA ARG A 111 -16.80 -1.58 12.37
C ARG A 111 -15.54 -2.42 12.42
N GLY A 112 -15.68 -3.71 12.14
CA GLY A 112 -14.56 -4.63 12.12
C GLY A 112 -14.49 -5.34 10.78
N TYR A 113 -13.31 -5.88 10.47
CA TYR A 113 -13.08 -6.53 9.18
C TYR A 113 -12.22 -7.77 9.39
N HIS A 114 -12.51 -8.83 8.64
CA HIS A 114 -11.62 -9.98 8.51
C HIS A 114 -11.92 -10.69 7.19
N GLN A 115 -10.96 -10.67 6.26
CA GLN A 115 -11.15 -11.31 4.95
C GLN A 115 -9.93 -12.12 4.58
N TYR A 116 -10.14 -13.15 3.77
CA TYR A 116 -9.10 -14.10 3.41
C TYR A 116 -9.16 -14.38 1.91
N ALA A 117 -7.99 -14.52 1.29
CA ALA A 117 -7.93 -14.77 -0.14
C ALA A 117 -6.89 -15.83 -0.47
N TYR A 118 -7.19 -16.65 -1.48
CA TYR A 118 -6.24 -17.64 -1.96
C TYR A 118 -5.91 -17.36 -3.43
N ASP A 119 -4.61 -17.27 -3.73
CA ASP A 119 -4.15 -16.94 -5.07
C ASP A 119 -4.84 -15.70 -5.65
N GLY A 120 -5.02 -14.68 -4.80
CA GLY A 120 -5.56 -13.41 -5.24
C GLY A 120 -7.07 -13.37 -5.41
N LYS A 121 -7.75 -14.44 -5.01
CA LYS A 121 -9.19 -14.51 -5.17
C LYS A 121 -9.85 -14.63 -3.82
N ASP A 122 -11.02 -14.00 -3.65
CA ASP A 122 -11.72 -14.08 -2.37
C ASP A 122 -12.02 -15.52 -2.00
N TYR A 123 -11.81 -15.86 -0.73
CA TYR A 123 -12.10 -17.20 -0.24
C TYR A 123 -13.23 -17.13 0.79
N ILE A 124 -12.96 -16.48 1.91
CA ILE A 124 -13.98 -16.34 2.96
C ILE A 124 -13.83 -14.99 3.65
N ALA A 125 -14.93 -14.48 4.20
CA ALA A 125 -14.90 -13.19 4.87
C ALA A 125 -15.94 -13.16 5.97
N LEU A 126 -15.62 -12.43 7.03
CA LEU A 126 -16.60 -12.20 8.08
C LEU A 126 -17.55 -11.10 7.60
N LYS A 127 -18.87 -11.33 7.72
CA LYS A 127 -19.82 -10.28 7.37
C LYS A 127 -19.67 -9.10 8.33
N GLU A 128 -20.19 -7.94 7.97
CA GLU A 128 -20.00 -6.73 8.77
C GLU A 128 -20.60 -6.82 10.18
N ASP A 129 -21.63 -7.63 10.36
CA ASP A 129 -22.20 -7.79 11.70
C ASP A 129 -21.31 -8.63 12.62
N LEU A 130 -20.25 -9.20 12.02
CA LEU A 130 -19.23 -9.99 12.74
C LEU A 130 -19.83 -11.24 13.40
N ARG A 131 -20.91 -11.75 12.84
CA ARG A 131 -21.61 -12.87 13.46
C ARG A 131 -21.77 -14.07 12.53
N SER A 132 -21.47 -13.88 11.24
CA SER A 132 -21.59 -14.95 10.27
C SER A 132 -20.55 -14.78 9.17
N TRP A 133 -20.36 -15.81 8.35
CA TRP A 133 -19.36 -15.78 7.30
C TRP A 133 -19.99 -15.79 5.92
N THR A 134 -19.27 -15.25 4.95
CA THR A 134 -19.65 -15.43 3.55
C THR A 134 -18.51 -16.13 2.81
N ALA A 135 -18.87 -17.19 2.07
CA ALA A 135 -17.87 -18.01 1.38
C ALA A 135 -17.98 -17.87 -0.14
N ALA A 136 -16.85 -17.80 -0.83
CA ALA A 136 -16.85 -17.53 -2.26
C ALA A 136 -17.12 -18.75 -3.15
N ASP A 137 -16.87 -19.95 -2.63
CA ASP A 137 -17.14 -21.19 -3.37
C ASP A 137 -17.40 -22.35 -2.40
N MET A 138 -17.47 -23.57 -2.90
CA MET A 138 -17.80 -24.70 -2.04
C MET A 138 -16.65 -25.16 -1.14
N ALA A 139 -15.42 -24.93 -1.56
CA ALA A 139 -14.29 -25.19 -0.68
C ALA A 139 -14.43 -24.27 0.52
N ALA A 140 -14.60 -22.98 0.24
CA ALA A 140 -14.75 -22.02 1.33
C ALA A 140 -16.00 -22.26 2.16
N GLN A 141 -17.03 -22.83 1.55
CA GLN A 141 -18.25 -23.18 2.28
C GLN A 141 -17.95 -24.27 3.30
N THR A 142 -16.97 -25.11 2.99
CA THR A 142 -16.56 -26.16 3.91
C THR A 142 -15.93 -25.54 5.14
N THR A 143 -15.07 -24.55 4.93
CA THR A 143 -14.46 -23.80 6.01
C THR A 143 -15.54 -23.09 6.81
N LYS A 144 -16.52 -22.51 6.12
CA LYS A 144 -17.58 -21.77 6.77
C LYS A 144 -18.36 -22.62 7.78
N HIS A 145 -18.77 -23.82 7.39
CA HIS A 145 -19.50 -24.70 8.30
C HIS A 145 -18.62 -25.10 9.50
N LYS A 146 -17.33 -25.28 9.23
CA LYS A 146 -16.40 -25.66 10.28
C LYS A 146 -16.23 -24.54 11.30
N TRP A 147 -16.10 -23.32 10.81
CA TRP A 147 -15.91 -22.16 11.67
C TRP A 147 -17.20 -21.78 12.38
N GLU A 148 -18.33 -22.09 11.76
CA GLU A 148 -19.62 -21.87 12.41
C GLU A 148 -19.79 -22.80 13.59
N ALA A 149 -19.48 -24.08 13.39
CA ALA A 149 -19.63 -25.08 14.43
C ALA A 149 -18.72 -24.76 15.61
N ALA A 150 -17.55 -24.21 15.31
CA ALA A 150 -16.54 -23.93 16.35
C ALA A 150 -16.66 -22.51 16.91
N HIS A 151 -17.66 -21.76 16.47
CA HIS A 151 -17.92 -20.41 16.96
C HIS A 151 -16.71 -19.48 16.80
N VAL A 152 -16.05 -19.60 15.66
CA VAL A 152 -14.89 -18.77 15.31
C VAL A 152 -15.24 -17.30 15.20
N ALA A 153 -16.44 -16.99 14.71
CA ALA A 153 -16.85 -15.60 14.55
C ALA A 153 -16.88 -14.85 15.88
N GLU A 154 -17.25 -15.54 16.96
CA GLU A 154 -17.29 -14.93 18.29
C GLU A 154 -15.90 -14.49 18.76
N GLN A 155 -14.89 -15.30 18.44
CA GLN A 155 -13.51 -14.99 18.79
C GLN A 155 -13.03 -13.76 18.03
N TRP A 156 -13.38 -13.68 16.75
CA TRP A 156 -13.03 -12.53 15.94
C TRP A 156 -13.75 -11.28 16.44
N ARG A 157 -15.03 -11.42 16.75
CA ARG A 157 -15.80 -10.26 17.21
C ARG A 157 -15.24 -9.70 18.52
N ALA A 158 -14.86 -10.60 19.44
CA ALA A 158 -14.24 -10.16 20.70
C ALA A 158 -12.95 -9.38 20.44
N TYR A 159 -12.14 -9.86 19.51
CA TYR A 159 -10.91 -9.15 19.16
C TYR A 159 -11.19 -7.80 18.50
N LEU A 160 -12.08 -7.79 17.51
CA LEU A 160 -12.29 -6.60 16.71
C LEU A 160 -12.98 -5.47 17.48
N GLU A 161 -13.91 -5.84 18.36
CA GLU A 161 -14.65 -4.86 19.15
C GLU A 161 -13.93 -4.52 20.46
N GLY A 162 -12.98 -5.36 20.86
CA GLY A 162 -12.28 -5.16 22.11
C GLY A 162 -10.83 -4.79 21.90
N THR A 163 -9.98 -5.81 21.85
CA THR A 163 -8.53 -5.67 21.69
C THR A 163 -8.11 -4.71 20.58
N CYS A 164 -8.65 -4.92 19.39
CA CYS A 164 -8.29 -4.11 18.22
C CYS A 164 -8.53 -2.63 18.49
N VAL A 165 -9.70 -2.33 19.02
CA VAL A 165 -10.10 -0.95 19.30
C VAL A 165 -9.26 -0.33 20.42
N GLU A 166 -9.01 -1.12 21.46
CA GLU A 166 -8.24 -0.64 22.59
C GLU A 166 -6.81 -0.28 22.21
N TRP A 167 -6.19 -1.12 21.39
CA TRP A 167 -4.84 -0.81 20.90
C TRP A 167 -4.85 0.38 19.94
N LEU A 168 -5.83 0.44 19.06
CA LEU A 168 -5.93 1.58 18.13
C LEU A 168 -6.01 2.92 18.89
N ARG A 169 -6.81 2.96 19.95
CA ARG A 169 -6.90 4.19 20.74
C ARG A 169 -5.55 4.55 21.36
N ARG A 170 -4.85 3.52 21.84
CA ARG A 170 -3.56 3.73 22.48
C ARG A 170 -2.54 4.27 21.48
N TYR A 171 -2.52 3.67 20.29
CA TYR A 171 -1.63 4.14 19.22
C TYR A 171 -1.93 5.59 18.81
N LEU A 172 -3.23 5.90 18.71
CA LEU A 172 -3.66 7.24 18.31
C LEU A 172 -3.18 8.28 19.31
N GLU A 173 -3.21 7.91 20.59
CA GLU A 173 -2.78 8.83 21.64
C GLU A 173 -1.26 8.96 21.68
N ASN A 174 -0.56 7.83 21.66
CA ASN A 174 0.90 7.84 21.67
C ASN A 174 1.51 8.47 20.42
N GLY A 175 0.90 8.24 19.26
CA GLY A 175 1.38 8.80 18.02
C GLY A 175 0.65 10.06 17.58
N LYS A 176 0.00 10.75 18.51
CA LYS A 176 -0.88 11.85 18.15
C LYS A 176 -0.20 13.02 17.42
N GLU A 177 1.09 13.23 17.68
CA GLU A 177 1.79 14.35 17.03
C GLU A 177 1.96 14.17 15.52
N THR A 178 1.68 12.97 15.04
CA THR A 178 1.76 12.66 13.62
C THR A 178 0.47 12.05 13.07
N LEU A 179 0.02 10.97 13.71
CA LEU A 179 -1.21 10.28 13.30
C LEU A 179 -2.43 11.19 13.28
N GLN A 180 -2.51 12.11 14.23
CA GLN A 180 -3.65 13.02 14.33
C GLN A 180 -3.33 14.40 13.78
N ARG A 181 -2.25 14.48 13.01
CA ARG A 181 -1.94 15.72 12.31
C ARG A 181 -2.17 15.52 10.82
N THR A 182 -2.42 16.61 10.13
CA THR A 182 -2.50 16.62 8.68
C THR A 182 -1.31 17.41 8.16
N ASP A 183 -0.72 16.91 7.08
CA ASP A 183 0.27 17.68 6.33
C ASP A 183 -0.41 18.16 5.06
N ALA A 184 -0.69 19.45 4.97
CA ALA A 184 -1.36 19.99 3.80
C ALA A 184 -0.44 19.86 2.59
N PRO A 185 -1.01 19.69 1.40
CA PRO A 185 -0.14 19.51 0.23
C PRO A 185 0.62 20.78 -0.12
N LYS A 186 1.85 20.62 -0.56
CA LYS A 186 2.60 21.75 -1.09
C LYS A 186 2.47 21.70 -2.60
N THR A 187 1.82 22.75 -3.13
CA THR A 187 1.38 22.75 -4.52
C THR A 187 2.18 23.72 -5.36
N HIS A 188 2.33 23.39 -6.64
CA HIS A 188 2.93 24.29 -7.60
C HIS A 188 2.57 23.84 -9.01
N MET A 189 2.90 24.65 -10.00
CA MET A 189 2.54 24.32 -11.37
C MET A 189 3.78 24.34 -12.24
N THR A 190 3.78 23.50 -13.26
CA THR A 190 4.81 23.56 -14.30
C THR A 190 4.15 23.65 -15.66
N HIS A 191 4.93 24.07 -16.65
CA HIS A 191 4.43 24.35 -17.99
C HIS A 191 5.38 23.73 -19.01
N HIS A 192 4.84 22.99 -19.96
CA HIS A 192 5.67 22.25 -20.89
C HIS A 192 5.17 22.39 -22.32
N ALA A 193 6.06 22.80 -23.23
CA ALA A 193 5.71 22.98 -24.63
C ALA A 193 5.55 21.64 -25.34
N VAL A 194 4.30 21.25 -25.62
CA VAL A 194 4.02 20.02 -26.36
C VAL A 194 4.45 20.19 -27.81
N SER A 195 3.83 21.16 -28.46
CA SER A 195 4.15 21.52 -29.83
C SER A 195 4.12 23.03 -29.94
N ASP A 196 4.12 23.56 -31.16
CA ASP A 196 3.98 24.99 -31.34
C ASP A 196 2.54 25.43 -31.06
N HIS A 197 1.58 24.53 -31.26
CA HIS A 197 0.18 24.89 -31.04
C HIS A 197 -0.34 24.65 -29.61
N GLU A 198 0.31 23.78 -28.85
CA GLU A 198 -0.22 23.39 -27.54
C GLU A 198 0.83 23.37 -26.43
N ALA A 199 0.36 23.42 -25.19
CA ALA A 199 1.22 23.27 -24.03
C ALA A 199 0.54 22.44 -22.94
N THR A 200 1.34 21.90 -22.03
CA THR A 200 0.84 21.13 -20.91
C THR A 200 1.03 21.93 -19.62
N LEU A 201 -0.04 22.10 -18.86
CA LEU A 201 0.06 22.61 -17.50
C LEU A 201 -0.05 21.41 -16.57
N ARG A 202 0.87 21.30 -15.62
CA ARG A 202 0.84 20.19 -14.67
C ARG A 202 0.74 20.76 -13.27
N CYS A 203 -0.31 20.37 -12.55
CA CYS A 203 -0.54 20.86 -11.20
C CYS A 203 -0.13 19.80 -10.17
N TRP A 204 0.80 20.16 -9.29
CA TRP A 204 1.43 19.23 -8.37
C TRP A 204 0.90 19.38 -6.94
N ALA A 205 0.74 18.26 -6.26
CA ALA A 205 0.50 18.26 -4.82
C ALA A 205 1.54 17.34 -4.19
N LEU A 206 2.39 17.90 -3.32
CA LEU A 206 3.49 17.13 -2.73
C LEU A 206 3.48 17.11 -1.20
N SER A 207 4.13 16.09 -0.64
CA SER A 207 4.35 16.00 0.81
C SER A 207 3.08 16.11 1.65
N PHE A 208 2.02 15.42 1.23
CA PHE A 208 0.76 15.50 1.98
C PHE A 208 0.41 14.21 2.73
N TYR A 209 -0.34 14.39 3.81
CA TYR A 209 -0.83 13.29 4.63
C TYR A 209 -2.14 13.71 5.28
N PRO A 210 -3.16 12.84 5.25
CA PRO A 210 -3.26 11.49 4.69
C PRO A 210 -3.28 11.45 3.16
N ALA A 211 -3.40 10.25 2.58
CA ALA A 211 -3.27 10.11 1.14
C ALA A 211 -4.43 10.67 0.33
N GLU A 212 -5.61 10.76 0.96
CA GLU A 212 -6.83 11.20 0.27
C GLU A 212 -6.70 12.65 -0.20
N ILE A 213 -6.97 12.88 -1.48
CA ILE A 213 -6.86 14.21 -2.07
C ILE A 213 -7.65 14.28 -3.37
N THR A 214 -8.06 15.49 -3.76
CA THR A 214 -8.76 15.66 -5.02
C THR A 214 -8.11 16.81 -5.80
N LEU A 215 -7.69 16.53 -7.03
CA LEU A 215 -7.07 17.51 -7.91
C LEU A 215 -7.94 17.62 -9.16
N THR A 216 -8.39 18.83 -9.50
CA THR A 216 -9.21 19.04 -10.69
C THR A 216 -8.77 20.28 -11.46
N TRP A 217 -9.13 20.34 -12.74
CA TRP A 217 -8.93 21.55 -13.53
C TRP A 217 -10.25 22.22 -13.83
N GLN A 218 -10.23 23.54 -13.91
CA GLN A 218 -11.37 24.29 -14.40
C GLN A 218 -10.88 25.18 -15.54
N ARG A 219 -11.79 25.50 -16.46
CA ARG A 219 -11.48 26.41 -17.55
C ARG A 219 -12.55 27.48 -17.55
N ASP A 220 -12.16 28.71 -17.20
CA ASP A 220 -13.10 29.79 -16.94
C ASP A 220 -14.23 29.33 -15.99
N GLY A 221 -13.87 28.53 -15.00
CA GLY A 221 -14.83 28.09 -14.00
C GLY A 221 -15.55 26.79 -14.34
N GLU A 222 -15.42 26.33 -15.58
CA GLU A 222 -16.05 25.08 -16.02
C GLU A 222 -15.14 23.88 -15.76
N ASP A 223 -15.70 22.83 -15.17
CA ASP A 223 -14.92 21.62 -14.92
C ASP A 223 -14.39 21.03 -16.22
N GLN A 224 -13.10 20.68 -16.23
CA GLN A 224 -12.46 20.10 -17.41
C GLN A 224 -12.02 18.65 -17.15
N THR A 225 -12.33 17.76 -18.07
CA THR A 225 -11.84 16.38 -18.00
C THR A 225 -11.13 15.96 -19.29
N GLN A 226 -11.65 16.44 -20.42
CA GLN A 226 -11.03 16.16 -21.71
C GLN A 226 -9.64 16.79 -21.74
N ASP A 227 -8.69 16.06 -22.34
CA ASP A 227 -7.30 16.47 -22.41
C ASP A 227 -6.62 16.58 -21.04
N THR A 228 -7.15 15.89 -20.03
CA THR A 228 -6.51 15.85 -18.72
C THR A 228 -5.92 14.48 -18.40
N GLU A 229 -4.89 14.47 -17.56
CA GLU A 229 -4.29 13.23 -17.10
C GLU A 229 -4.08 13.32 -15.60
N LEU A 230 -4.54 12.30 -14.88
CA LEU A 230 -4.47 12.29 -13.43
C LEU A 230 -3.72 11.04 -13.01
N VAL A 231 -2.56 11.17 -12.39
CA VAL A 231 -1.80 9.99 -11.98
C VAL A 231 -2.28 9.48 -10.64
N GLU A 232 -2.03 8.19 -10.39
CA GLU A 232 -2.40 7.58 -9.13
C GLU A 232 -1.57 8.15 -7.98
N THR A 233 -2.19 8.33 -6.82
CA THR A 233 -1.47 8.80 -5.64
C THR A 233 -0.33 7.83 -5.30
N ARG A 234 0.84 8.39 -4.99
CA ARG A 234 2.04 7.58 -4.82
C ARG A 234 2.80 8.03 -3.58
N PRO A 235 3.48 7.09 -2.90
CA PRO A 235 4.24 7.45 -1.71
C PRO A 235 5.55 8.17 -2.02
N ALA A 236 5.87 9.21 -1.25
CA ALA A 236 7.11 9.94 -1.44
C ALA A 236 8.27 9.12 -0.89
N GLY A 237 7.97 8.25 0.07
CA GLY A 237 8.97 7.41 0.70
C GLY A 237 9.34 7.90 2.10
N ASP A 238 8.73 9.01 2.51
CA ASP A 238 8.97 9.58 3.83
C ASP A 238 7.71 9.64 4.68
N GLY A 239 6.69 8.88 4.29
CA GLY A 239 5.44 8.88 5.04
C GLY A 239 4.38 9.76 4.39
N THR A 240 4.80 10.66 3.51
CA THR A 240 3.87 11.54 2.81
C THR A 240 3.54 11.02 1.41
N PHE A 241 2.63 11.70 0.72
CA PHE A 241 2.18 11.25 -0.59
C PHE A 241 2.28 12.33 -1.64
N GLN A 242 2.16 11.93 -2.92
CA GLN A 242 2.29 12.84 -4.04
C GLN A 242 1.19 12.56 -5.04
N LYS A 243 0.81 13.57 -5.81
CA LYS A 243 -0.12 13.37 -6.91
C LYS A 243 0.01 14.56 -7.84
N TRP A 244 -0.31 14.35 -9.11
CA TRP A 244 -0.42 15.48 -10.02
C TRP A 244 -1.52 15.28 -11.05
N VAL A 245 -2.01 16.39 -11.57
CA VAL A 245 -3.00 16.34 -12.64
C VAL A 245 -2.54 17.33 -13.70
N ALA A 246 -2.70 16.94 -14.97
CA ALA A 246 -2.20 17.79 -16.05
C ALA A 246 -3.28 18.01 -17.08
N VAL A 247 -3.16 19.08 -17.86
CA VAL A 247 -4.11 19.36 -18.94
C VAL A 247 -3.36 19.90 -20.15
N VAL A 248 -3.78 19.48 -21.34
CA VAL A 248 -3.23 20.04 -22.58
C VAL A 248 -4.09 21.21 -23.04
N VAL A 249 -3.45 22.37 -23.26
CA VAL A 249 -4.18 23.59 -23.58
C VAL A 249 -3.64 24.26 -24.84
N PRO A 250 -4.50 25.01 -25.56
CA PRO A 250 -3.99 25.74 -26.72
C PRO A 250 -3.03 26.81 -26.25
N SER A 251 -1.88 26.97 -26.92
CA SER A 251 -0.92 27.99 -26.52
C SER A 251 -1.58 29.36 -26.53
N GLY A 252 -1.41 30.11 -25.43
CA GLY A 252 -2.05 31.41 -25.30
C GLY A 252 -3.30 31.39 -24.44
N GLN A 253 -3.79 30.20 -24.11
CA GLN A 253 -5.01 30.08 -23.32
C GLN A 253 -4.75 29.60 -21.89
N GLU A 254 -3.47 29.56 -21.50
CA GLU A 254 -3.08 29.07 -20.17
C GLU A 254 -3.85 29.76 -19.06
N GLN A 255 -4.06 31.06 -19.22
CA GLN A 255 -4.71 31.90 -18.21
C GLN A 255 -6.19 31.55 -17.95
N ARG A 256 -6.78 30.75 -18.82
CA ARG A 256 -8.18 30.34 -18.65
C ARG A 256 -8.29 29.20 -17.64
N TYR A 257 -7.15 28.60 -17.32
CA TYR A 257 -7.16 27.35 -16.55
C TYR A 257 -6.77 27.55 -15.09
N THR A 258 -7.52 26.89 -14.20
CA THR A 258 -7.19 26.88 -12.77
C THR A 258 -7.16 25.45 -12.23
N CYS A 259 -6.16 25.17 -11.42
CA CYS A 259 -6.07 23.89 -10.73
C CYS A 259 -6.62 24.01 -9.31
N HIS A 260 -7.43 23.04 -8.90
CA HIS A 260 -8.10 23.11 -7.61
C HIS A 260 -7.69 21.90 -6.77
N VAL A 261 -7.31 22.17 -5.53
CA VAL A 261 -6.77 21.16 -4.62
C VAL A 261 -7.61 21.09 -3.36
N GLN A 262 -8.15 19.91 -3.09
CA GLN A 262 -8.91 19.69 -1.87
C GLN A 262 -8.20 18.65 -1.02
N HIS A 263 -8.01 18.96 0.25
CA HIS A 263 -7.36 18.04 1.17
C HIS A 263 -7.78 18.35 2.59
N GLU A 264 -7.76 17.33 3.45
CA GLU A 264 -8.16 17.47 4.84
C GLU A 264 -7.33 18.51 5.58
N GLY A 265 -6.09 18.68 5.14
CA GLY A 265 -5.16 19.62 5.79
C GLY A 265 -5.33 21.07 5.40
N LEU A 266 -6.25 21.32 4.47
CA LEU A 266 -6.51 22.68 3.98
C LEU A 266 -7.83 23.20 4.55
N PRO A 267 -7.77 24.34 5.27
CA PRO A 267 -8.96 24.97 5.83
C PRO A 267 -9.93 25.37 4.73
N LYS A 268 -9.37 25.75 3.58
CA LYS A 268 -10.16 25.95 2.36
C LYS A 268 -9.34 25.47 1.18
N PRO A 269 -10.01 24.99 0.11
CA PRO A 269 -9.30 24.43 -1.03
C PRO A 269 -8.42 25.47 -1.70
N LEU A 270 -7.35 25.01 -2.34
CA LEU A 270 -6.44 25.91 -3.04
C LEU A 270 -6.89 26.05 -4.48
N THR A 271 -6.60 27.22 -5.07
CA THR A 271 -6.80 27.45 -6.49
C THR A 271 -5.47 27.96 -7.02
N LEU A 272 -4.91 27.27 -7.99
CA LEU A 272 -3.64 27.69 -8.58
C LEU A 272 -3.80 28.17 -10.01
N LYS A 273 -3.20 29.32 -10.32
CA LYS A 273 -3.14 29.84 -11.68
C LYS A 273 -1.70 29.91 -12.17
N TRP A 274 -1.51 29.77 -13.47
CA TRP A 274 -0.19 29.86 -14.08
C TRP A 274 0.28 31.30 -14.24
N ILE B 1 -5.76 -16.00 -10.69
CA ILE B 1 -5.68 -14.87 -11.61
C ILE B 1 -4.29 -14.25 -11.62
N GLN B 2 -4.02 -13.41 -12.60
CA GLN B 2 -2.76 -12.70 -12.64
C GLN B 2 -2.99 -11.23 -12.99
N ARG B 3 -2.25 -10.36 -12.32
CA ARG B 3 -2.41 -8.92 -12.50
C ARG B 3 -1.06 -8.26 -12.80
N THR B 4 -1.03 -7.43 -13.83
CA THR B 4 0.21 -6.82 -14.26
C THR B 4 0.48 -5.53 -13.47
N PRO B 5 1.75 -5.27 -13.14
CA PRO B 5 2.07 -4.11 -12.28
C PRO B 5 1.87 -2.78 -13.00
N LYS B 6 1.39 -1.78 -12.25
CA LYS B 6 1.44 -0.40 -12.70
C LYS B 6 2.80 0.10 -12.21
N ILE B 7 3.37 1.06 -12.93
CA ILE B 7 4.72 1.52 -12.60
C ILE B 7 4.80 3.04 -12.62
N GLN B 8 5.32 3.64 -11.55
CA GLN B 8 5.64 5.07 -11.58
C GLN B 8 7.07 5.32 -11.11
N VAL B 9 7.83 6.07 -11.90
CA VAL B 9 9.17 6.44 -11.51
C VAL B 9 9.20 7.95 -11.28
N TYR B 10 9.78 8.37 -10.16
CA TYR B 10 9.70 9.77 -9.71
C TYR B 10 10.68 10.00 -8.57
N SER B 11 10.92 11.28 -8.24
CA SER B 11 11.82 11.62 -7.14
C SER B 11 11.02 11.99 -5.89
N ARG B 12 11.61 11.79 -4.71
CA ARG B 12 10.94 12.14 -3.46
C ARG B 12 10.67 13.64 -3.38
N HIS B 13 11.67 14.43 -3.77
CA HIS B 13 11.55 15.88 -3.82
C HIS B 13 11.75 16.32 -5.27
N PRO B 14 11.22 17.51 -5.65
CA PRO B 14 11.40 17.97 -7.02
C PRO B 14 12.88 18.07 -7.35
N ALA B 15 13.27 17.65 -8.55
CA ALA B 15 14.68 17.52 -8.89
C ALA B 15 15.37 18.88 -9.02
N GLU B 16 16.58 18.94 -8.49
CA GLU B 16 17.46 20.07 -8.73
C GLU B 16 18.88 19.52 -8.87
N ASN B 17 19.49 19.79 -10.02
CA ASN B 17 20.81 19.26 -10.34
C ASN B 17 21.83 19.49 -9.23
N GLY B 18 22.58 18.45 -8.88
CA GLY B 18 23.56 18.52 -7.83
C GLY B 18 23.00 18.31 -6.43
N LYS B 19 21.68 18.39 -6.30
CA LYS B 19 21.04 18.27 -4.97
C LYS B 19 20.62 16.85 -4.63
N SER B 20 20.96 16.41 -3.42
CA SER B 20 20.73 15.03 -2.98
C SER B 20 19.24 14.71 -2.83
N ASN B 21 18.83 13.58 -3.40
CA ASN B 21 17.41 13.24 -3.48
C ASN B 21 17.18 11.74 -3.29
N PHE B 22 15.99 11.26 -3.63
CA PHE B 22 15.72 9.83 -3.68
C PHE B 22 15.01 9.50 -4.97
N LEU B 23 15.49 8.47 -5.66
CA LEU B 23 14.86 8.00 -6.88
C LEU B 23 13.89 6.89 -6.49
N ASN B 24 12.62 7.08 -6.86
CA ASN B 24 11.57 6.12 -6.49
C ASN B 24 11.02 5.37 -7.68
N CYS B 25 10.75 4.09 -7.47
CA CYS B 25 9.99 3.30 -8.43
C CYS B 25 8.88 2.60 -7.67
N TYR B 26 7.65 3.04 -7.90
CA TYR B 26 6.49 2.52 -7.20
C TYR B 26 5.76 1.53 -8.11
N VAL B 27 5.73 0.26 -7.69
CA VAL B 27 5.00 -0.76 -8.45
C VAL B 27 3.79 -1.24 -7.65
N SER B 28 2.64 -1.33 -8.31
CA SER B 28 1.40 -1.68 -7.62
C SER B 28 0.46 -2.44 -8.52
N GLY B 29 -0.60 -2.98 -7.92
CA GLY B 29 -1.66 -3.62 -8.67
C GLY B 29 -1.29 -4.96 -9.28
N PHE B 30 -0.22 -5.58 -8.77
CA PHE B 30 0.25 -6.84 -9.32
C PHE B 30 -0.05 -8.07 -8.45
N HIS B 31 -0.08 -9.23 -9.11
CA HIS B 31 -0.30 -10.52 -8.44
C HIS B 31 0.14 -11.61 -9.42
N PRO B 32 0.93 -12.59 -8.93
CA PRO B 32 1.37 -12.80 -7.55
C PRO B 32 2.45 -11.81 -7.11
N SER B 33 3.07 -12.06 -5.96
CA SER B 33 3.94 -11.07 -5.35
C SER B 33 5.39 -11.06 -5.84
N ASP B 34 5.80 -12.16 -6.49
CA ASP B 34 7.15 -12.26 -7.05
C ASP B 34 7.33 -11.20 -8.13
N ILE B 35 8.28 -10.29 -7.92
CA ILE B 35 8.49 -9.24 -8.89
C ILE B 35 9.95 -8.81 -8.90
N GLU B 36 10.46 -8.48 -10.08
CA GLU B 36 11.84 -8.04 -10.21
C GLU B 36 11.82 -6.56 -10.53
N VAL B 37 12.47 -5.75 -9.68
CA VAL B 37 12.53 -4.31 -9.88
C VAL B 37 13.96 -3.81 -9.68
N ASP B 38 14.51 -3.17 -10.71
CA ASP B 38 15.84 -2.61 -10.63
C ASP B 38 15.80 -1.15 -11.01
N LEU B 39 16.60 -0.35 -10.33
CA LEU B 39 16.78 1.03 -10.71
C LEU B 39 18.05 1.13 -11.55
N LEU B 40 17.98 1.85 -12.67
CA LEU B 40 19.10 1.95 -13.59
C LEU B 40 19.65 3.37 -13.61
N LYS B 41 20.97 3.48 -13.67
CA LYS B 41 21.62 4.77 -13.89
C LYS B 41 22.49 4.64 -15.13
N ASN B 42 22.17 5.42 -16.16
CA ASN B 42 22.88 5.34 -17.44
C ASN B 42 22.93 3.90 -17.97
N GLY B 43 21.82 3.18 -17.81
CA GLY B 43 21.69 1.85 -18.38
C GLY B 43 22.32 0.71 -17.59
N GLU B 44 22.81 1.00 -16.39
CA GLU B 44 23.37 -0.06 -15.54
C GLU B 44 22.68 -0.16 -14.18
N ARG B 45 22.47 -1.40 -13.73
CA ARG B 45 21.87 -1.71 -12.45
C ARG B 45 22.52 -0.91 -11.32
N ILE B 46 21.71 -0.22 -10.52
CA ILE B 46 22.19 0.45 -9.32
C ILE B 46 22.32 -0.59 -8.19
N GLU B 47 23.42 -0.53 -7.46
CA GLU B 47 23.80 -1.54 -6.47
C GLU B 47 22.80 -1.70 -5.33
N LYS B 48 22.77 -0.71 -4.44
CA LYS B 48 22.05 -0.81 -3.18
C LYS B 48 20.66 -0.14 -3.25
N VAL B 49 19.66 -0.91 -3.66
CA VAL B 49 18.29 -0.42 -3.71
C VAL B 49 17.44 -1.10 -2.64
N GLU B 50 16.83 -0.29 -1.78
CA GLU B 50 15.96 -0.80 -0.74
C GLU B 50 14.52 -0.78 -1.22
N HIS B 51 13.63 -1.44 -0.49
CA HIS B 51 12.22 -1.40 -0.81
C HIS B 51 11.37 -1.43 0.46
N SER B 52 10.13 -0.95 0.33
CA SER B 52 9.18 -1.00 1.43
C SER B 52 8.74 -2.43 1.69
N ASP B 53 8.08 -2.65 2.81
CA ASP B 53 7.57 -3.96 3.16
C ASP B 53 6.35 -4.27 2.30
N LEU B 54 6.30 -5.50 1.80
CA LEU B 54 5.20 -5.92 0.93
C LEU B 54 3.85 -5.78 1.60
N SER B 55 2.93 -5.08 0.95
CA SER B 55 1.56 -4.99 1.43
C SER B 55 0.63 -5.11 0.25
N PHE B 56 -0.67 -5.04 0.50
CA PHE B 56 -1.65 -5.18 -0.58
C PHE B 56 -2.89 -4.30 -0.41
N SER B 57 -3.61 -4.13 -1.51
CA SER B 57 -4.76 -3.25 -1.56
C SER B 57 -6.04 -4.02 -1.39
N LYS B 58 -7.16 -3.31 -1.51
CA LYS B 58 -8.45 -3.91 -1.29
C LYS B 58 -8.75 -5.09 -2.20
N ASP B 59 -8.26 -5.03 -3.43
CA ASP B 59 -8.50 -6.08 -4.41
C ASP B 59 -7.45 -7.20 -4.34
N TRP B 60 -6.68 -7.20 -3.25
CA TRP B 60 -5.63 -8.20 -2.97
C TRP B 60 -4.35 -8.02 -3.78
N SER B 61 -4.33 -7.06 -4.69
CA SER B 61 -3.13 -6.84 -5.49
C SER B 61 -2.03 -6.18 -4.64
N PHE B 62 -0.78 -6.50 -4.95
CA PHE B 62 0.35 -6.04 -4.14
C PHE B 62 0.92 -4.70 -4.56
N TYR B 63 1.61 -4.05 -3.63
CA TYR B 63 2.34 -2.81 -3.94
C TYR B 63 3.64 -2.69 -3.15
N LEU B 64 4.66 -2.13 -3.80
CA LEU B 64 6.00 -1.98 -3.21
C LEU B 64 6.60 -0.67 -3.69
N LEU B 65 7.39 -0.02 -2.84
CA LEU B 65 8.18 1.14 -3.27
C LEU B 65 9.66 0.79 -3.21
N TYR B 66 10.33 0.88 -4.36
CA TYR B 66 11.78 0.69 -4.41
C TYR B 66 12.43 2.07 -4.49
N TYR B 67 13.56 2.26 -3.82
CA TYR B 67 14.16 3.59 -3.75
C TYR B 67 15.65 3.57 -3.49
N THR B 68 16.34 4.63 -3.92
CA THR B 68 17.74 4.83 -3.60
C THR B 68 18.01 6.32 -3.56
N GLU B 69 18.91 6.75 -2.69
CA GLU B 69 19.35 8.14 -2.72
C GLU B 69 20.14 8.33 -4.02
N PHE B 70 19.99 9.48 -4.64
CA PHE B 70 20.77 9.82 -5.82
C PHE B 70 20.94 11.32 -5.97
N THR B 71 21.97 11.73 -6.69
CA THR B 71 22.19 13.15 -6.98
C THR B 71 22.01 13.36 -8.49
N PRO B 72 20.84 13.89 -8.87
CA PRO B 72 20.49 14.08 -10.28
C PRO B 72 21.33 15.19 -10.92
N THR B 73 21.73 14.97 -12.17
CA THR B 73 22.45 15.97 -12.95
C THR B 73 21.69 16.24 -14.23
N GLU B 74 22.20 17.15 -15.05
CA GLU B 74 21.60 17.44 -16.34
C GLU B 74 21.61 16.22 -17.27
N LYS B 75 22.69 15.43 -17.23
CA LYS B 75 22.93 14.41 -18.24
C LYS B 75 22.71 12.96 -17.79
N ASP B 76 22.78 12.71 -16.49
CA ASP B 76 22.57 11.35 -16.00
C ASP B 76 21.12 10.91 -16.20
N GLU B 77 20.95 9.73 -16.79
CA GLU B 77 19.62 9.20 -17.06
C GLU B 77 19.29 8.08 -16.07
N TYR B 78 18.09 8.12 -15.54
CA TYR B 78 17.66 7.08 -14.62
C TYR B 78 16.40 6.42 -15.15
N ALA B 79 16.17 5.18 -14.71
CA ALA B 79 14.98 4.46 -15.13
C ALA B 79 14.71 3.34 -14.14
N CYS B 80 13.54 2.73 -14.29
CA CYS B 80 13.18 1.60 -13.46
C CYS B 80 12.85 0.45 -14.37
N ARG B 81 13.46 -0.71 -14.11
CA ARG B 81 13.17 -1.89 -14.91
C ARG B 81 12.39 -2.89 -14.06
N VAL B 82 11.27 -3.36 -14.62
CA VAL B 82 10.38 -4.25 -13.90
C VAL B 82 10.07 -5.48 -14.74
N ASN B 83 10.29 -6.66 -14.17
CA ASN B 83 9.78 -7.87 -14.81
C ASN B 83 8.86 -8.62 -13.88
N HIS B 84 7.89 -9.31 -14.47
CA HIS B 84 6.85 -9.99 -13.73
C HIS B 84 6.31 -11.10 -14.61
N VAL B 85 5.69 -12.10 -14.00
CA VAL B 85 5.17 -13.25 -14.75
C VAL B 85 4.17 -12.81 -15.84
N THR B 86 3.52 -11.68 -15.63
CA THR B 86 2.52 -11.17 -16.58
C THR B 86 3.19 -10.51 -17.79
N LEU B 87 4.50 -10.35 -17.71
CA LEU B 87 5.24 -9.62 -18.75
C LEU B 87 6.02 -10.53 -19.69
N SER B 88 5.87 -10.30 -21.00
CA SER B 88 6.62 -11.05 -22.00
C SER B 88 8.09 -10.63 -22.01
N GLN B 89 8.34 -9.39 -21.62
CA GLN B 89 9.69 -8.87 -21.45
C GLN B 89 9.66 -7.74 -20.42
N PRO B 90 10.80 -7.46 -19.75
CA PRO B 90 10.81 -6.41 -18.73
C PRO B 90 10.32 -5.07 -19.24
N LYS B 91 9.56 -4.36 -18.42
CA LYS B 91 9.10 -3.02 -18.76
C LYS B 91 10.13 -2.02 -18.25
N ILE B 92 10.57 -1.10 -19.09
CA ILE B 92 11.50 -0.08 -18.64
C ILE B 92 10.85 1.28 -18.72
N VAL B 93 10.78 1.99 -17.60
CA VAL B 93 10.17 3.32 -17.57
C VAL B 93 11.25 4.33 -17.23
N LYS B 94 11.47 5.31 -18.10
CA LYS B 94 12.48 6.33 -17.86
C LYS B 94 12.02 7.30 -16.79
N TRP B 95 12.95 7.75 -15.96
CA TRP B 95 12.67 8.85 -15.04
C TRP B 95 12.61 10.18 -15.79
N ASP B 96 11.53 10.91 -15.58
CA ASP B 96 11.36 12.24 -16.16
C ASP B 96 11.12 13.19 -15.00
N ARG B 97 12.00 14.16 -14.79
CA ARG B 97 11.85 15.05 -13.65
C ARG B 97 10.55 15.86 -13.72
N ASP B 98 9.98 15.96 -14.92
CA ASP B 98 8.72 16.65 -15.15
C ASP B 98 7.50 15.84 -14.66
N MET B 99 7.73 14.59 -14.24
CA MET B 99 6.60 13.72 -13.90
C MET B 99 6.84 12.86 -12.66
N SER C 1 -2.09 -4.21 18.14
CA SER C 1 -1.54 -5.52 18.47
C SER C 1 -2.36 -6.62 17.76
N VAL C 2 -1.66 -7.62 17.24
CA VAL C 2 -2.27 -8.65 16.41
C VAL C 2 -3.13 -9.63 17.19
N TYR C 3 -3.98 -10.37 16.48
CA TYR C 3 -4.85 -11.36 17.13
C TYR C 3 -4.03 -12.57 17.58
N ASP C 4 -4.58 -13.35 18.52
CA ASP C 4 -3.74 -14.33 19.23
C ASP C 4 -4.38 -15.70 19.43
N PHE C 5 -5.42 -16.01 18.67
CA PHE C 5 -6.06 -17.32 18.80
C PHE C 5 -5.80 -18.21 17.59
N PHE C 6 -6.03 -19.51 17.75
CA PHE C 6 -5.64 -20.49 16.74
C PHE C 6 -6.83 -21.12 16.02
N VAL C 7 -6.93 -20.80 14.73
CA VAL C 7 -7.98 -21.35 13.87
C VAL C 7 -7.38 -21.72 12.51
N TRP C 8 -7.72 -22.91 12.03
CA TRP C 8 -7.24 -23.38 10.74
C TRP C 8 -8.39 -23.51 9.74
N LEU C 9 -8.09 -23.43 8.44
CA LEU C 9 -9.11 -23.56 7.40
C LEU C 9 -9.69 -24.98 7.33
C1 GOL D . -2.26 -16.39 16.55
O1 GOL D . -0.87 -16.49 16.78
C2 GOL D . -2.55 -16.73 15.09
O2 GOL D . -1.89 -15.79 14.27
C3 GOL D . -2.04 -18.12 14.76
O3 GOL D . -2.49 -18.47 13.47
#